data_4AFY
#
_entry.id   4AFY
#
_cell.length_a   104.330
_cell.length_b   104.330
_cell.length_c   154.240
_cell.angle_alpha   90.00
_cell.angle_beta   90.00
_cell.angle_gamma   90.00
#
_symmetry.space_group_name_H-M   'P 43 21 2'
#
loop_
_entity.id
_entity.type
_entity.pdbx_description
1 polymer FIMX
2 polymer "5'-R(*GP*GP)-3'"
3 non-polymer 'MAGNESIUM ION'
4 non-polymer 'SODIUM ION'
5 water water
#
loop_
_entity_poly.entity_id
_entity_poly.type
_entity_poly.pdbx_seq_one_letter_code
_entity_poly.pdbx_strand_id
1 'polypeptide(L)'
;MGSSHHHHHHSSGLVPRGSHMQRGDVIAILQQALETNSFRLLFQPVISLRGDSHENYEVLLRLLNPQGQEVPPAEFLHAA
KEAGLAEKIDRWVILNSIKLLAEHRAKGHQTKLFVHLSSASLQDPGLLPWLGVALKAARLPPESLVFQISEADATSYLKQ
AKQLTQGLATLHCQAAISQFGCSLNPFNALKHLTVQFIKIDGSFVQDLNQVENQEILKGLIAELHEQQKLSIVPFVESAS
VLATLWQAGATYIQGYYLQGPSQAMDYDFSSGDE
;
A,B
2 'polyribonucleotide' GG C,D
#
# COMPACT_ATOMS: atom_id res chain seq x y z
N MET A 21 21.27 8.10 -5.80
CA MET A 21 20.53 8.93 -4.87
C MET A 21 19.07 8.49 -4.70
N GLN A 22 18.71 7.37 -5.30
CA GLN A 22 17.42 6.76 -5.06
C GLN A 22 17.67 5.45 -4.32
N ARG A 23 18.56 5.49 -3.33
CA ARG A 23 18.82 4.34 -2.49
C ARG A 23 19.32 4.77 -1.11
N GLY A 24 19.49 3.81 -0.22
CA GLY A 24 20.06 4.10 1.09
C GLY A 24 19.73 3.07 2.13
N ASP A 25 20.41 3.17 3.27
CA ASP A 25 20.11 2.31 4.37
C ASP A 25 18.94 2.96 5.13
N VAL A 26 17.72 2.45 4.93
CA VAL A 26 16.54 3.16 5.43
C VAL A 26 16.49 3.07 6.93
N ILE A 27 16.96 1.96 7.48
CA ILE A 27 17.00 1.83 8.93
C ILE A 27 17.88 2.92 9.57
N ALA A 28 18.99 3.25 8.93
CA ALA A 28 19.85 4.31 9.45
C ALA A 28 19.27 5.69 9.16
N ILE A 29 18.65 5.87 8.00
CA ILE A 29 17.99 7.14 7.69
C ILE A 29 16.87 7.46 8.69
N LEU A 30 16.20 6.41 9.17
CA LEU A 30 15.12 6.56 10.12
C LEU A 30 15.67 6.92 11.50
N GLN A 31 16.67 6.14 11.94
CA GLN A 31 17.39 6.41 13.19
C GLN A 31 17.84 7.86 13.28
N GLN A 32 18.12 8.49 12.15
CA GLN A 32 18.60 9.86 12.13
C GLN A 32 17.55 10.94 11.83
N ALA A 33 16.45 10.57 11.17
CA ALA A 33 15.34 11.50 10.96
C ALA A 33 14.79 11.80 12.34
N LEU A 34 14.67 10.74 13.12
CA LEU A 34 14.33 10.85 14.52
C LEU A 34 15.22 11.88 15.24
N GLU A 35 16.52 11.83 14.96
CA GLU A 35 17.48 12.65 15.68
C GLU A 35 17.58 14.05 15.15
N THR A 36 17.06 14.29 13.96
CA THR A 36 17.05 15.65 13.46
C THR A 36 15.61 16.15 13.44
N ASN A 37 14.69 15.36 13.98
CA ASN A 37 13.25 15.66 13.87
C ASN A 37 12.90 16.01 12.42
N SER A 38 13.17 15.09 11.48
CA SER A 38 13.15 15.43 10.04
C SER A 38 12.20 14.66 9.13
N PHE A 39 11.45 13.77 9.72
CA PHE A 39 10.30 13.25 9.00
C PHE A 39 9.51 14.41 8.43
N ARG A 40 8.63 14.14 7.46
CA ARG A 40 7.71 15.18 6.98
C ARG A 40 6.28 14.69 7.23
N LEU A 41 5.47 15.54 7.84
CA LEU A 41 4.08 15.19 8.14
C LEU A 41 3.22 15.66 7.03
N LEU A 42 2.31 14.81 6.60
CA LEU A 42 1.31 15.25 5.63
C LEU A 42 -0.05 15.09 6.25
N PHE A 43 -1.03 15.70 5.61
CA PHE A 43 -2.38 15.77 6.15
C PHE A 43 -3.34 15.56 5.00
N GLN A 44 -4.24 14.60 5.18
CA GLN A 44 -5.25 14.37 4.14
C GLN A 44 -6.63 14.61 4.77
N PRO A 45 -7.33 15.64 4.28
CA PRO A 45 -8.59 15.97 4.94
C PRO A 45 -9.65 14.86 4.83
N VAL A 46 -10.45 14.75 5.88
CA VAL A 46 -11.60 13.87 5.95
C VAL A 46 -12.86 14.79 5.90
N ILE A 47 -13.69 14.56 4.90
CA ILE A 47 -14.83 15.44 4.59
C ILE A 47 -16.13 14.86 5.20
N SER A 48 -16.86 15.74 5.88
CA SER A 48 -18.11 15.40 6.57
C SER A 48 -19.29 15.62 5.61
N LEU A 49 -20.14 14.61 5.54
CA LEU A 49 -21.32 14.74 4.70
C LEU A 49 -22.55 15.06 5.56
N ARG A 50 -22.43 14.90 6.89
CA ARG A 50 -23.57 15.03 7.80
C ARG A 50 -23.42 16.10 8.91
N GLY A 51 -22.78 17.22 8.59
CA GLY A 51 -22.81 18.40 9.45
C GLY A 51 -21.74 18.48 10.52
N ASP A 52 -20.68 17.68 10.44
CA ASP A 52 -19.57 17.84 11.36
C ASP A 52 -18.79 19.06 10.92
N SER A 53 -18.66 20.05 11.82
CA SER A 53 -17.89 21.26 11.49
C SER A 53 -16.38 21.19 11.80
N HIS A 54 -15.91 20.14 12.44
CA HIS A 54 -14.47 19.98 12.68
C HIS A 54 -13.66 19.97 11.40
N GLU A 55 -12.42 20.41 11.48
CA GLU A 55 -11.49 20.25 10.37
C GLU A 55 -10.70 18.98 10.64
N ASN A 56 -11.24 17.89 10.10
CA ASN A 56 -10.69 16.56 10.32
C ASN A 56 -9.60 16.27 9.28
N TYR A 57 -8.45 15.80 9.76
CA TYR A 57 -7.32 15.52 8.85
C TYR A 57 -6.71 14.21 9.27
N GLU A 58 -6.39 13.38 8.29
CA GLU A 58 -5.63 12.21 8.61
C GLU A 58 -4.15 12.61 8.53
N VAL A 59 -3.39 12.17 9.53
CA VAL A 59 -1.93 12.40 9.54
C VAL A 59 -1.20 11.27 8.89
N LEU A 60 -0.35 11.65 7.94
CA LEU A 60 0.45 10.68 7.20
C LEU A 60 1.91 11.08 7.33
N LEU A 61 2.80 10.09 7.31
CA LEU A 61 4.22 10.34 7.62
C LEU A 61 5.04 10.06 6.37
N ARG A 62 5.94 10.96 6.06
CA ARG A 62 6.86 10.82 4.93
C ARG A 62 8.29 11.00 5.41
N LEU A 63 9.22 10.47 4.64
CA LEU A 63 10.63 10.41 5.00
C LEU A 63 11.46 10.82 3.81
N LEU A 64 12.41 11.73 4.01
CA LEU A 64 13.36 12.11 2.94
C LEU A 64 14.73 11.50 3.25
N ASN A 65 15.45 11.06 2.21
CA ASN A 65 16.82 10.61 2.42
C ASN A 65 17.73 11.87 2.48
N PRO A 66 19.02 11.70 2.85
CA PRO A 66 19.97 12.81 2.99
C PRO A 66 20.06 13.70 1.78
N GLN A 67 19.85 13.11 0.61
CA GLN A 67 19.88 13.83 -0.65
C GLN A 67 18.54 14.48 -0.98
N GLY A 68 17.61 14.47 -0.02
CA GLY A 68 16.36 15.19 -0.19
C GLY A 68 15.28 14.50 -1.02
N GLN A 69 15.50 13.23 -1.38
CA GLN A 69 14.55 12.43 -2.18
C GLN A 69 13.64 11.65 -1.27
N GLU A 70 12.39 11.49 -1.66
CA GLU A 70 11.46 10.79 -0.81
C GLU A 70 11.69 9.31 -0.86
N VAL A 71 11.69 8.71 0.32
CA VAL A 71 11.77 7.25 0.41
C VAL A 71 10.35 6.68 0.28
N PRO A 72 10.13 5.73 -0.64
CA PRO A 72 8.80 5.10 -0.80
C PRO A 72 8.21 4.70 0.56
N PRO A 73 6.97 5.11 0.84
CA PRO A 73 6.35 4.86 2.14
C PRO A 73 6.34 3.41 2.52
N ALA A 74 6.03 2.51 1.60
CA ALA A 74 5.97 1.12 1.93
C ALA A 74 7.35 0.68 2.41
N GLU A 75 8.41 1.22 1.82
CA GLU A 75 9.75 0.77 2.19
C GLU A 75 10.11 1.29 3.58
N PHE A 76 9.87 2.55 3.87
CA PHE A 76 10.32 2.96 5.20
C PHE A 76 9.40 2.48 6.31
N LEU A 77 8.14 2.26 5.98
CA LEU A 77 7.23 1.62 6.93
C LEU A 77 7.68 0.18 7.24
N HIS A 78 8.16 -0.53 6.23
CA HIS A 78 8.72 -1.84 6.48
C HIS A 78 10.09 -1.75 7.17
N ALA A 79 10.85 -0.73 6.85
CA ALA A 79 12.17 -0.54 7.50
C ALA A 79 11.94 -0.34 9.02
N ALA A 80 10.94 0.48 9.34
CA ALA A 80 10.68 0.89 10.70
C ALA A 80 10.40 -0.32 11.54
N LYS A 81 9.69 -1.28 10.95
CA LYS A 81 9.40 -2.53 11.63
C LYS A 81 10.64 -3.41 11.71
N GLU A 82 11.41 -3.49 10.64
CA GLU A 82 12.58 -4.37 10.64
C GLU A 82 13.51 -3.91 11.78
N ALA A 83 13.57 -2.59 12.02
CA ALA A 83 14.41 -1.97 13.05
C ALA A 83 13.80 -1.90 14.46
N GLY A 84 12.56 -2.31 14.64
CA GLY A 84 11.91 -2.19 15.94
C GLY A 84 11.72 -0.75 16.35
N LEU A 85 11.40 0.12 15.38
CA LEU A 85 11.23 1.53 15.65
C LEU A 85 9.78 2.01 15.54
N ALA A 86 8.85 1.11 15.23
CA ALA A 86 7.46 1.55 14.98
C ALA A 86 6.90 2.37 16.14
N GLU A 87 7.03 1.85 17.34
CA GLU A 87 6.51 2.56 18.47
C GLU A 87 7.19 3.90 18.64
N LYS A 88 8.50 3.94 18.46
CA LYS A 88 9.21 5.21 18.63
C LYS A 88 8.79 6.26 17.58
N ILE A 89 8.51 5.80 16.36
CA ILE A 89 8.03 6.72 15.36
C ILE A 89 6.59 7.16 15.70
N ASP A 90 5.75 6.23 16.17
CA ASP A 90 4.41 6.66 16.65
C ASP A 90 4.50 7.80 17.67
N ARG A 91 5.38 7.67 18.66
CA ARG A 91 5.53 8.76 19.65
C ARG A 91 5.98 10.07 19.02
N TRP A 92 6.93 10.02 18.09
CA TRP A 92 7.29 11.27 17.38
C TRP A 92 6.07 11.81 16.66
N VAL A 93 5.31 10.94 15.99
CA VAL A 93 4.15 11.45 15.24
C VAL A 93 3.12 12.05 16.23
N ILE A 94 2.90 11.36 17.33
CA ILE A 94 1.93 11.82 18.31
C ILE A 94 2.33 13.15 18.91
N LEU A 95 3.59 13.30 19.31
CA LEU A 95 4.05 14.57 19.89
C LEU A 95 4.03 15.68 18.88
N ASN A 96 4.39 15.41 17.64
CA ASN A 96 4.35 16.49 16.68
C ASN A 96 2.91 16.88 16.33
N SER A 97 2.00 15.92 16.47
CA SER A 97 0.59 16.15 16.15
C SER A 97 0.03 17.00 17.28
N ILE A 98 0.25 16.55 18.51
CA ILE A 98 -0.11 17.31 19.70
C ILE A 98 0.40 18.74 19.56
N LYS A 99 1.63 18.89 19.12
CA LYS A 99 2.17 20.22 18.89
C LYS A 99 1.26 20.98 17.98
N LEU A 100 1.11 20.48 16.75
CA LEU A 100 0.31 21.17 15.72
C LEU A 100 -1.11 21.52 16.17
N LEU A 101 -1.75 20.62 16.91
CA LEU A 101 -3.10 20.91 17.39
C LEU A 101 -3.07 22.11 18.31
N ALA A 102 -2.15 22.11 19.26
CA ALA A 102 -1.95 23.25 20.15
C ALA A 102 -1.82 24.54 19.33
N GLU A 103 -0.99 24.50 18.29
CA GLU A 103 -0.73 25.70 17.50
C GLU A 103 -1.91 26.06 16.59
N HIS A 104 -2.86 25.13 16.40
CA HIS A 104 -3.95 25.34 15.45
C HIS A 104 -5.29 25.75 16.08
N ARG A 105 -5.57 25.25 17.28
CA ARG A 105 -6.67 25.80 18.05
C ARG A 105 -6.25 27.21 18.53
N ALA A 106 -5.02 27.61 18.21
CA ALA A 106 -4.57 28.98 18.40
C ALA A 106 -5.55 29.95 17.76
N LYS A 107 -5.82 29.73 16.46
CA LYS A 107 -6.91 30.44 15.79
C LYS A 107 -8.25 29.79 16.14
N GLY A 108 -9.31 30.13 15.40
CA GLY A 108 -10.62 29.56 15.64
C GLY A 108 -10.73 28.07 15.32
N HIS A 109 -9.90 27.61 14.39
CA HIS A 109 -10.01 26.26 13.81
C HIS A 109 -10.32 25.14 14.81
N GLN A 110 -11.36 24.36 14.52
CA GLN A 110 -11.65 23.17 15.28
C GLN A 110 -10.94 21.93 14.69
N THR A 111 -9.62 21.92 14.72
CA THR A 111 -8.87 20.86 14.07
C THR A 111 -9.01 19.57 14.82
N LYS A 112 -9.20 18.48 14.09
CA LYS A 112 -9.12 17.17 14.70
C LYS A 112 -8.21 16.28 13.84
N LEU A 113 -7.31 15.51 14.49
CA LEU A 113 -6.32 14.72 13.75
C LEU A 113 -6.49 13.22 13.97
N PHE A 114 -6.45 12.48 12.87
CA PHE A 114 -6.52 11.05 12.93
C PHE A 114 -5.06 10.56 12.82
N VAL A 115 -4.62 9.89 13.86
CA VAL A 115 -3.21 9.45 13.97
C VAL A 115 -3.15 7.94 14.06
N HIS A 116 -2.28 7.36 13.26
CA HIS A 116 -2.16 5.92 13.20
C HIS A 116 -1.38 5.40 14.40
N LEU A 117 -1.72 4.20 14.83
CA LEU A 117 -0.95 3.46 15.83
C LEU A 117 -0.55 2.15 15.26
N SER A 118 0.73 1.84 15.37
CA SER A 118 1.22 0.56 14.92
C SER A 118 0.80 -0.55 15.88
N SER A 119 0.88 -1.78 15.40
CA SER A 119 0.72 -2.99 16.20
C SER A 119 1.68 -2.98 17.40
N ALA A 120 2.93 -2.61 17.17
CA ALA A 120 3.90 -2.56 18.26
C ALA A 120 3.38 -1.65 19.36
N SER A 121 2.87 -0.47 18.98
CA SER A 121 2.29 0.44 19.97
C SER A 121 1.08 -0.20 20.67
N LEU A 122 0.21 -0.82 19.88
CA LEU A 122 -0.99 -1.43 20.44
C LEU A 122 -0.65 -2.45 21.54
N GLN A 123 0.38 -3.26 21.32
CA GLN A 123 0.74 -4.35 22.24
C GLN A 123 1.47 -3.84 23.49
N ASP A 124 1.73 -2.53 23.55
CA ASP A 124 2.58 -1.93 24.57
C ASP A 124 1.81 -1.33 25.75
N PRO A 125 1.86 -2.00 26.91
CA PRO A 125 1.16 -1.53 28.12
C PRO A 125 1.50 -0.10 28.47
N GLY A 126 2.63 0.40 27.99
CA GLY A 126 3.09 1.71 28.41
C GLY A 126 2.53 2.89 27.64
N LEU A 127 1.81 2.63 26.54
CA LEU A 127 1.38 3.75 25.73
C LEU A 127 0.52 4.72 26.49
N LEU A 128 -0.48 4.18 27.17
CA LEU A 128 -1.51 5.03 27.75
C LEU A 128 -0.94 6.01 28.81
N PRO A 129 -0.22 5.47 29.80
CA PRO A 129 0.43 6.35 30.80
C PRO A 129 1.20 7.49 30.12
N TRP A 130 1.98 7.13 29.12
CA TRP A 130 2.80 8.10 28.40
C TRP A 130 1.97 9.20 27.74
N LEU A 131 0.90 8.75 27.09
CA LEU A 131 0.02 9.67 26.40
C LEU A 131 -0.66 10.66 27.36
N GLY A 132 -1.12 10.14 28.49
CA GLY A 132 -1.84 10.98 29.43
C GLY A 132 -1.02 12.20 29.82
N VAL A 133 0.26 11.95 30.09
CA VAL A 133 1.20 13.03 30.39
C VAL A 133 1.31 14.06 29.27
N ALA A 134 1.58 13.61 28.04
CA ALA A 134 1.81 14.56 26.95
C ALA A 134 0.58 15.41 26.69
N LEU A 135 -0.59 14.80 26.83
CA LEU A 135 -1.80 15.52 26.53
C LEU A 135 -1.99 16.58 27.58
N LYS A 136 -1.72 16.22 28.83
CA LYS A 136 -1.82 17.20 29.92
C LYS A 136 -0.93 18.41 29.63
N ALA A 137 0.34 18.16 29.30
CA ALA A 137 1.27 19.24 28.96
C ALA A 137 0.67 20.20 27.94
N ALA A 138 0.14 19.62 26.87
CA ALA A 138 -0.34 20.39 25.73
C ALA A 138 -1.63 21.12 26.02
N ARG A 139 -2.44 20.61 26.95
CA ARG A 139 -3.73 21.25 27.24
C ARG A 139 -4.48 21.52 25.94
N LEU A 140 -4.88 20.44 25.28
CA LEU A 140 -5.63 20.57 24.03
C LEU A 140 -7.12 20.46 24.34
N PRO A 141 -7.96 21.03 23.47
CA PRO A 141 -9.38 20.76 23.60
C PRO A 141 -9.63 19.26 23.69
N PRO A 142 -10.71 18.85 24.37
CA PRO A 142 -10.92 17.40 24.43
C PRO A 142 -11.43 16.92 23.07
N GLU A 143 -11.35 15.62 22.80
CA GLU A 143 -11.71 15.14 21.46
C GLU A 143 -11.03 15.96 20.38
N SER A 144 -9.70 16.04 20.46
CA SER A 144 -8.88 16.70 19.44
C SER A 144 -8.10 15.67 18.62
N LEU A 145 -8.02 14.45 19.11
CA LEU A 145 -7.15 13.47 18.50
C LEU A 145 -7.93 12.17 18.37
N VAL A 146 -7.78 11.51 17.23
CA VAL A 146 -8.37 10.20 17.06
C VAL A 146 -7.26 9.26 16.74
N PHE A 147 -7.18 8.15 17.47
CA PHE A 147 -6.18 7.14 17.18
C PHE A 147 -6.76 6.05 16.31
N GLN A 148 -6.07 5.76 15.20
CA GLN A 148 -6.54 4.85 14.21
C GLN A 148 -5.70 3.59 14.21
N ILE A 149 -6.37 2.46 14.37
CA ILE A 149 -5.71 1.18 14.35
C ILE A 149 -6.39 0.28 13.34
N SER A 150 -5.60 -0.52 12.66
CA SER A 150 -6.11 -1.37 11.60
C SER A 150 -6.94 -2.50 12.17
N GLU A 151 -7.93 -2.91 11.40
CA GLU A 151 -8.72 -4.07 11.72
C GLU A 151 -7.87 -5.28 12.03
N ALA A 152 -6.88 -5.55 11.20
CA ALA A 152 -6.07 -6.74 11.39
C ALA A 152 -5.43 -6.70 12.78
N ASP A 153 -4.89 -5.54 13.14
CA ASP A 153 -4.20 -5.38 14.39
C ASP A 153 -5.14 -5.48 15.58
N ALA A 154 -6.25 -4.76 15.54
CA ALA A 154 -7.26 -4.87 16.60
C ALA A 154 -7.69 -6.33 16.79
N THR A 155 -7.80 -7.04 15.69
CA THR A 155 -8.26 -8.42 15.72
C THR A 155 -7.20 -9.37 16.26
N SER A 156 -5.95 -9.12 15.90
CA SER A 156 -4.86 -9.93 16.44
C SER A 156 -4.79 -9.74 17.97
N TYR A 157 -4.92 -8.49 18.41
CA TYR A 157 -4.67 -8.13 19.78
C TYR A 157 -5.89 -7.54 20.43
N LEU A 158 -6.97 -8.30 20.42
CA LEU A 158 -8.25 -7.78 20.88
C LEU A 158 -8.19 -7.30 22.31
N LYS A 159 -7.48 -8.03 23.17
CA LYS A 159 -7.44 -7.66 24.59
C LYS A 159 -6.77 -6.30 24.76
N GLN A 160 -5.59 -6.16 24.17
CA GLN A 160 -4.90 -4.88 24.17
C GLN A 160 -5.73 -3.77 23.47
N ALA A 161 -6.46 -4.13 22.41
CA ALA A 161 -7.31 -3.15 21.74
C ALA A 161 -8.38 -2.68 22.73
N LYS A 162 -8.98 -3.66 23.40
CA LYS A 162 -9.95 -3.34 24.42
C LYS A 162 -9.35 -2.41 25.50
N GLN A 163 -8.23 -2.81 26.10
CA GLN A 163 -7.58 -1.94 27.10
C GLN A 163 -7.27 -0.55 26.55
N LEU A 164 -6.61 -0.50 25.38
CA LEU A 164 -6.19 0.79 24.86
C LEU A 164 -7.40 1.72 24.65
N THR A 165 -8.43 1.20 23.97
CA THR A 165 -9.55 2.07 23.61
C THR A 165 -10.33 2.61 24.83
N GLN A 166 -10.51 1.81 25.87
CA GLN A 166 -11.17 2.37 27.07
C GLN A 166 -10.33 3.50 27.62
N GLY A 167 -9.02 3.26 27.67
CA GLY A 167 -8.08 4.26 28.13
C GLY A 167 -8.17 5.60 27.45
N LEU A 168 -8.23 5.57 26.12
CA LEU A 168 -8.29 6.82 25.36
C LEU A 168 -9.51 7.64 25.72
N ALA A 169 -10.62 6.94 25.91
CA ALA A 169 -11.86 7.62 26.26
C ALA A 169 -11.63 8.39 27.57
N THR A 170 -11.00 7.76 28.55
CA THR A 170 -10.79 8.49 29.82
C THR A 170 -9.95 9.74 29.50
N LEU A 171 -9.06 9.68 28.50
CA LEU A 171 -8.25 10.86 28.16
C LEU A 171 -8.92 11.85 27.23
N HIS A 172 -10.19 11.62 26.90
CA HIS A 172 -10.86 12.52 25.97
C HIS A 172 -10.27 12.43 24.55
N CYS A 173 -9.82 11.23 24.19
CA CYS A 173 -9.48 10.95 22.80
C CYS A 173 -10.51 10.00 22.21
N GLN A 174 -10.51 9.89 20.88
CA GLN A 174 -11.37 8.96 20.19
C GLN A 174 -10.54 7.94 19.47
N ALA A 175 -11.18 6.86 19.01
CA ALA A 175 -10.51 5.81 18.27
C ALA A 175 -11.28 5.48 16.98
N ALA A 176 -10.52 4.95 16.01
CA ALA A 176 -11.03 4.57 14.69
C ALA A 176 -10.43 3.24 14.36
N ILE A 177 -11.23 2.40 13.74
CA ILE A 177 -10.72 1.17 13.15
C ILE A 177 -10.69 1.35 11.64
N SER A 178 -9.54 1.09 11.03
CA SER A 178 -9.44 1.27 9.60
C SER A 178 -9.28 -0.08 8.91
N GLN A 179 -9.35 -0.06 7.59
CA GLN A 179 -9.37 -1.27 6.79
C GLN A 179 -10.43 -2.26 7.25
N PHE A 180 -11.57 -1.72 7.65
CA PHE A 180 -12.63 -2.48 8.27
C PHE A 180 -13.44 -3.23 7.24
N GLY A 181 -13.73 -4.49 7.57
CA GLY A 181 -14.70 -5.29 6.85
C GLY A 181 -14.13 -6.46 6.11
N CYS A 182 -12.83 -6.70 6.23
CA CYS A 182 -12.18 -7.76 5.43
C CYS A 182 -12.14 -9.11 6.15
N SER A 183 -12.19 -9.07 7.47
CA SER A 183 -12.15 -10.29 8.25
C SER A 183 -13.49 -11.03 8.12
N LEU A 184 -13.52 -12.30 8.54
CA LEU A 184 -14.72 -13.13 8.38
C LEU A 184 -15.95 -12.56 9.10
N ASN A 185 -15.80 -12.25 10.38
CA ASN A 185 -16.89 -11.67 11.13
C ASN A 185 -16.45 -10.37 11.77
N PRO A 186 -16.30 -9.31 10.95
CA PRO A 186 -15.65 -8.06 11.34
C PRO A 186 -16.36 -7.30 12.46
N PHE A 187 -17.67 -7.46 12.58
CA PHE A 187 -18.40 -6.73 13.61
C PHE A 187 -18.17 -7.30 15.01
N ASN A 188 -17.70 -8.53 15.08
CA ASN A 188 -17.44 -9.14 16.38
C ASN A 188 -16.35 -8.36 17.09
N ALA A 189 -15.22 -8.14 16.42
CA ALA A 189 -14.10 -7.42 17.02
C ALA A 189 -14.53 -6.11 17.67
N LEU A 190 -15.64 -5.53 17.21
CA LEU A 190 -16.12 -4.23 17.72
C LEU A 190 -16.87 -4.33 19.03
N LYS A 191 -17.21 -5.57 19.40
CA LYS A 191 -18.02 -5.85 20.59
C LYS A 191 -17.45 -5.22 21.85
N HIS A 192 -16.14 -5.32 22.06
CA HIS A 192 -15.57 -4.87 23.33
C HIS A 192 -14.68 -3.64 23.19
N LEU A 193 -14.57 -3.10 21.97
CA LEU A 193 -13.79 -1.89 21.73
C LEU A 193 -14.59 -0.63 22.01
N THR A 194 -13.91 0.46 22.35
CA THR A 194 -14.57 1.76 22.37
C THR A 194 -14.09 2.53 21.14
N VAL A 195 -14.85 2.47 20.04
CA VAL A 195 -14.45 3.15 18.79
C VAL A 195 -15.62 3.92 18.20
N GLN A 196 -15.42 5.19 17.90
CA GLN A 196 -16.45 6.02 17.33
C GLN A 196 -16.45 6.01 15.78
N PHE A 197 -15.28 5.85 15.17
CA PHE A 197 -15.17 5.91 13.70
C PHE A 197 -14.75 4.59 13.15
N ILE A 198 -15.32 4.25 12.00
CA ILE A 198 -14.91 3.05 11.30
C ILE A 198 -14.59 3.39 9.85
N LYS A 199 -13.34 3.26 9.47
CA LYS A 199 -12.94 3.50 8.08
C LYS A 199 -12.96 2.20 7.32
N ILE A 200 -13.92 2.11 6.41
CA ILE A 200 -14.12 0.90 5.63
C ILE A 200 -12.96 0.69 4.69
N ASP A 201 -12.62 -0.56 4.49
CA ASP A 201 -11.59 -0.96 3.56
C ASP A 201 -11.85 -0.53 2.11
N GLY A 202 -10.78 -0.05 1.48
CA GLY A 202 -10.75 0.31 0.07
C GLY A 202 -11.43 -0.63 -0.92
N SER A 203 -11.32 -1.94 -0.70
CA SER A 203 -11.94 -2.89 -1.63
C SER A 203 -13.45 -2.65 -1.82
N PHE A 204 -14.14 -2.15 -0.80
CA PHE A 204 -15.57 -1.98 -0.88
C PHE A 204 -15.98 -0.88 -1.83
N VAL A 205 -14.99 -0.11 -2.28
CA VAL A 205 -15.26 1.11 -3.03
C VAL A 205 -15.17 0.85 -4.57
N GLN A 206 -14.64 -0.29 -4.91
CA GLN A 206 -14.41 -0.66 -6.30
C GLN A 206 -15.65 -1.19 -7.01
N ASP A 207 -15.79 -0.71 -8.24
CA ASP A 207 -16.85 -1.15 -9.17
C ASP A 207 -18.24 -1.08 -8.59
N LEU A 208 -18.60 0.12 -8.15
CA LEU A 208 -19.91 0.34 -7.56
C LEU A 208 -20.97 0.45 -8.67
N ASN A 209 -20.54 0.29 -9.92
CA ASN A 209 -21.51 0.12 -11.00
C ASN A 209 -22.27 -1.19 -10.87
N GLN A 210 -21.60 -2.22 -10.38
CA GLN A 210 -22.28 -3.48 -10.11
C GLN A 210 -23.21 -3.33 -8.92
N VAL A 211 -24.50 -3.53 -9.16
CA VAL A 211 -25.52 -3.28 -8.12
C VAL A 211 -25.18 -4.08 -6.86
N GLU A 212 -24.54 -5.23 -7.03
CA GLU A 212 -24.27 -6.08 -5.88
C GLU A 212 -23.31 -5.39 -4.92
N ASN A 213 -22.32 -4.70 -5.48
CA ASN A 213 -21.34 -3.98 -4.67
C ASN A 213 -21.95 -2.78 -4.00
N GLN A 214 -22.85 -2.11 -4.70
CA GLN A 214 -23.60 -1.04 -4.08
C GLN A 214 -24.32 -1.59 -2.86
N GLU A 215 -24.84 -2.80 -2.95
CA GLU A 215 -25.60 -3.36 -1.84
C GLU A 215 -24.70 -3.80 -0.70
N ILE A 216 -23.60 -4.46 -1.03
CA ILE A 216 -22.64 -4.82 0.00
C ILE A 216 -22.24 -3.54 0.76
N LEU A 217 -21.84 -2.52 0.02
CA LEU A 217 -21.37 -1.27 0.62
C LEU A 217 -22.47 -0.72 1.45
N LYS A 218 -23.66 -0.62 0.86
CA LYS A 218 -24.80 -0.07 1.56
C LYS A 218 -25.16 -0.79 2.86
N GLY A 219 -25.10 -2.11 2.89
CA GLY A 219 -25.41 -2.85 4.11
C GLY A 219 -24.32 -2.74 5.17
N LEU A 220 -23.07 -2.66 4.73
CA LEU A 220 -21.96 -2.44 5.65
C LEU A 220 -22.16 -1.11 6.35
N ILE A 221 -22.39 -0.08 5.56
CA ILE A 221 -22.64 1.25 6.08
C ILE A 221 -23.89 1.25 6.99
N ALA A 222 -24.99 0.60 6.58
CA ALA A 222 -26.18 0.56 7.42
C ALA A 222 -25.95 -0.21 8.74
N GLU A 223 -25.28 -1.35 8.66
CA GLU A 223 -24.90 -2.12 9.84
C GLU A 223 -24.03 -1.27 10.78
N LEU A 224 -23.09 -0.49 10.23
CA LEU A 224 -22.27 0.42 11.04
C LEU A 224 -23.12 1.48 11.70
N HIS A 225 -24.02 2.09 10.94
CA HIS A 225 -24.88 3.11 11.47
C HIS A 225 -25.76 2.50 12.57
N GLU A 226 -26.05 1.22 12.40
CA GLU A 226 -26.93 0.50 13.29
C GLU A 226 -26.19 0.29 14.60
N GLN A 227 -24.90 -0.06 14.51
CA GLN A 227 -24.09 -0.17 15.71
C GLN A 227 -23.62 1.21 16.16
N GLN A 228 -24.24 2.26 15.65
CA GLN A 228 -23.95 3.66 16.04
C GLN A 228 -22.49 4.13 15.78
N LYS A 229 -21.85 3.60 14.74
CA LYS A 229 -20.50 4.05 14.34
C LYS A 229 -20.56 5.14 13.26
N LEU A 230 -19.55 6.00 13.20
CA LEU A 230 -19.42 6.94 12.07
C LEU A 230 -18.55 6.30 10.95
N SER A 231 -19.12 6.17 9.76
CA SER A 231 -18.43 5.49 8.68
C SER A 231 -17.59 6.48 7.92
N ILE A 232 -16.38 6.04 7.58
CA ILE A 232 -15.49 6.84 6.77
C ILE A 232 -15.13 6.01 5.55
N VAL A 233 -15.40 6.53 4.37
CA VAL A 233 -15.17 5.78 3.16
C VAL A 233 -14.10 6.51 2.37
N PRO A 234 -13.00 5.80 2.13
CA PRO A 234 -11.82 6.35 1.49
C PRO A 234 -11.87 6.15 -0.02
N PHE A 235 -10.86 6.65 -0.70
CA PHE A 235 -10.70 6.53 -2.13
C PHE A 235 -11.87 7.13 -2.95
N VAL A 236 -12.35 8.29 -2.55
CA VAL A 236 -13.23 9.06 -3.41
C VAL A 236 -12.41 9.74 -4.52
N GLU A 237 -12.50 9.19 -5.71
CA GLU A 237 -11.65 9.64 -6.82
C GLU A 237 -12.41 10.44 -7.89
N SER A 238 -13.73 10.58 -7.75
CA SER A 238 -14.44 11.54 -8.62
C SER A 238 -15.76 11.97 -7.99
N ALA A 239 -16.42 12.92 -8.62
CA ALA A 239 -17.68 13.41 -8.07
C ALA A 239 -18.77 12.32 -8.11
N SER A 240 -18.74 11.46 -9.12
CA SER A 240 -19.72 10.39 -9.16
C SER A 240 -19.54 9.38 -8.02
N VAL A 241 -18.29 9.08 -7.68
CA VAL A 241 -18.02 8.19 -6.56
C VAL A 241 -18.51 8.87 -5.28
N LEU A 242 -18.23 10.15 -5.17
CA LEU A 242 -18.68 10.88 -4.02
C LEU A 242 -20.25 10.79 -3.89
N ALA A 243 -20.93 11.00 -5.01
CA ALA A 243 -22.41 11.06 -5.02
C ALA A 243 -22.92 9.69 -4.65
N THR A 244 -22.30 8.64 -5.18
CA THR A 244 -22.69 7.28 -4.83
C THR A 244 -22.55 7.02 -3.34
N LEU A 245 -21.47 7.52 -2.74
CA LEU A 245 -21.21 7.22 -1.33
C LEU A 245 -22.14 8.01 -0.44
N TRP A 246 -22.42 9.24 -0.85
CA TRP A 246 -23.40 10.05 -0.18
C TRP A 246 -24.77 9.36 -0.12
N GLN A 247 -25.20 8.77 -1.24
CA GLN A 247 -26.48 8.05 -1.33
C GLN A 247 -26.46 6.80 -0.48
N ALA A 248 -25.30 6.15 -0.43
CA ALA A 248 -25.14 4.94 0.37
C ALA A 248 -25.15 5.20 1.86
N GLY A 249 -25.01 6.47 2.26
CA GLY A 249 -25.18 6.80 3.67
C GLY A 249 -23.87 7.06 4.42
N ALA A 250 -22.79 7.29 3.69
CA ALA A 250 -21.46 7.46 4.30
C ALA A 250 -21.47 8.70 5.21
N THR A 251 -20.82 8.62 6.36
CA THR A 251 -20.82 9.75 7.27
C THR A 251 -19.72 10.70 6.86
N TYR A 252 -18.56 10.09 6.57
CA TYR A 252 -17.42 10.85 6.08
C TYR A 252 -16.85 10.19 4.85
N ILE A 253 -16.16 11.00 4.05
CA ILE A 253 -15.42 10.52 2.92
C ILE A 253 -14.01 11.12 2.86
N GLN A 254 -13.17 10.47 2.08
CA GLN A 254 -11.80 10.90 1.88
C GLN A 254 -11.36 10.46 0.49
N GLY A 255 -10.47 11.23 -0.16
CA GLY A 255 -9.89 10.79 -1.41
C GLY A 255 -9.39 11.99 -2.19
N TYR A 256 -8.62 11.71 -3.24
CA TYR A 256 -7.94 12.73 -3.99
C TYR A 256 -8.89 13.73 -4.66
N TYR A 257 -10.10 13.27 -5.02
CA TYR A 257 -11.09 14.19 -5.60
C TYR A 257 -11.36 15.34 -4.64
N LEU A 258 -11.35 15.06 -3.34
CA LEU A 258 -11.49 16.11 -2.36
C LEU A 258 -10.16 16.81 -2.18
N GLN A 259 -9.17 16.09 -1.64
CA GLN A 259 -7.79 16.55 -1.64
C GLN A 259 -6.92 15.34 -1.28
N GLY A 260 -5.84 15.17 -2.03
CA GLY A 260 -4.78 14.27 -1.61
C GLY A 260 -4.01 14.82 -0.43
N PRO A 261 -3.05 14.02 0.05
CA PRO A 261 -2.17 14.44 1.14
C PRO A 261 -1.47 15.74 0.78
N SER A 262 -1.33 16.59 1.77
CA SER A 262 -0.60 17.83 1.58
C SER A 262 0.23 18.16 2.83
N GLN A 263 1.23 19.00 2.64
CA GLN A 263 2.16 19.37 3.73
C GLN A 263 1.48 20.37 4.65
N ALA A 264 0.41 20.99 4.15
CA ALA A 264 -0.27 22.03 4.93
C ALA A 264 -1.68 21.63 5.22
N MET A 265 -2.17 22.17 6.31
CA MET A 265 -3.55 21.99 6.72
C MET A 265 -4.33 23.23 6.28
N ASP A 266 -4.60 23.30 4.99
CA ASP A 266 -5.23 24.45 4.37
C ASP A 266 -6.50 24.08 3.62
N TYR A 267 -7.18 23.01 4.01
CA TYR A 267 -8.36 22.60 3.24
C TYR A 267 -9.54 23.49 3.63
N ASP A 268 -10.35 23.84 2.64
CA ASP A 268 -11.56 24.62 2.89
C ASP A 268 -12.74 23.72 3.22
N PHE A 269 -12.97 23.48 4.50
CA PHE A 269 -14.03 22.58 4.89
C PHE A 269 -15.41 23.24 4.80
N SER A 270 -15.54 24.48 4.84
N HIS B 20 -6.71 21.86 -9.08
CA HIS B 20 -5.78 22.49 -8.16
C HIS B 20 -4.50 21.68 -8.08
N MET B 21 -3.56 22.13 -7.26
CA MET B 21 -2.25 21.49 -7.15
C MET B 21 -2.32 20.03 -6.63
N GLN B 22 -3.09 19.79 -5.56
CA GLN B 22 -3.12 18.45 -4.95
C GLN B 22 -4.51 17.82 -4.82
N ARG B 23 -5.35 18.01 -5.83
CA ARG B 23 -6.63 17.33 -5.89
C ARG B 23 -7.04 17.22 -7.35
N GLY B 24 -8.04 16.37 -7.62
CA GLY B 24 -8.63 16.32 -8.93
C GLY B 24 -9.45 15.09 -9.10
N ASP B 25 -10.12 15.01 -10.25
CA ASP B 25 -10.91 13.87 -10.59
C ASP B 25 -9.91 12.90 -11.19
N VAL B 26 -9.53 11.87 -10.42
CA VAL B 26 -8.48 10.97 -10.88
C VAL B 26 -8.99 10.04 -11.99
N ILE B 27 -10.29 9.78 -11.99
CA ILE B 27 -10.83 8.98 -13.06
C ILE B 27 -10.69 9.71 -14.39
N ALA B 28 -11.03 10.98 -14.42
CA ALA B 28 -10.83 11.79 -15.63
C ALA B 28 -9.35 11.90 -15.99
N ILE B 29 -8.48 12.08 -15.01
CA ILE B 29 -7.03 12.13 -15.27
C ILE B 29 -6.53 10.85 -15.94
N LEU B 30 -6.96 9.72 -15.41
CA LEU B 30 -6.62 8.44 -16.00
C LEU B 30 -7.11 8.33 -17.44
N GLN B 31 -8.35 8.73 -17.69
CA GLN B 31 -8.91 8.56 -19.03
C GLN B 31 -8.07 9.35 -20.02
N GLN B 32 -7.60 10.52 -19.60
CA GLN B 32 -6.80 11.38 -20.47
C GLN B 32 -5.35 10.95 -20.53
N ALA B 33 -4.85 10.40 -19.43
CA ALA B 33 -3.48 9.92 -19.39
C ALA B 33 -3.33 8.82 -20.42
N LEU B 34 -4.33 7.94 -20.48
CA LEU B 34 -4.32 6.85 -21.42
C LEU B 34 -4.23 7.37 -22.85
N GLU B 35 -4.93 8.47 -23.13
CA GLU B 35 -5.02 9.02 -24.47
C GLU B 35 -3.79 9.81 -24.83
N THR B 36 -3.11 10.36 -23.83
CA THR B 36 -1.97 11.23 -24.12
C THR B 36 -0.65 10.56 -23.80
N ASN B 37 -0.72 9.28 -23.41
CA ASN B 37 0.46 8.56 -22.97
C ASN B 37 1.31 9.34 -21.98
N SER B 38 0.72 9.86 -20.90
CA SER B 38 1.51 10.64 -19.92
C SER B 38 1.59 10.03 -18.51
N PHE B 39 1.34 8.74 -18.40
CA PHE B 39 1.79 7.99 -17.25
C PHE B 39 3.34 8.07 -17.20
N ARG B 40 3.94 7.72 -16.08
CA ARG B 40 5.39 7.54 -16.00
C ARG B 40 5.68 6.11 -15.52
N LEU B 41 6.63 5.44 -16.13
CA LEU B 41 7.05 4.14 -15.66
C LEU B 41 8.29 4.34 -14.81
N LEU B 42 8.34 3.64 -13.68
CA LEU B 42 9.57 3.59 -12.91
C LEU B 42 10.01 2.13 -12.88
N PHE B 43 11.26 1.93 -12.48
CA PHE B 43 11.90 0.62 -12.51
C PHE B 43 12.65 0.39 -11.20
N GLN B 44 12.37 -0.73 -10.55
CA GLN B 44 13.09 -1.08 -9.33
C GLN B 44 13.74 -2.40 -9.56
N PRO B 45 15.08 -2.40 -9.53
CA PRO B 45 15.89 -3.60 -9.76
C PRO B 45 15.54 -4.73 -8.84
N VAL B 46 15.51 -5.92 -9.43
CA VAL B 46 15.36 -7.18 -8.72
C VAL B 46 16.72 -7.86 -8.88
N ILE B 47 17.38 -8.08 -7.76
CA ILE B 47 18.82 -8.36 -7.77
C ILE B 47 19.14 -9.83 -7.39
N SER B 48 19.97 -10.42 -8.23
CA SER B 48 20.30 -11.83 -8.17
C SER B 48 21.37 -12.07 -7.10
N LEU B 49 21.13 -13.10 -6.28
CA LEU B 49 22.14 -13.62 -5.34
C LEU B 49 22.77 -14.93 -5.85
N ARG B 50 22.20 -15.47 -6.94
CA ARG B 50 22.64 -16.77 -7.48
C ARG B 50 23.25 -16.59 -8.87
N GLY B 51 23.77 -15.39 -9.12
CA GLY B 51 24.47 -15.10 -10.37
C GLY B 51 23.62 -14.54 -11.51
N ASP B 52 22.35 -14.94 -11.60
CA ASP B 52 21.53 -14.79 -12.81
C ASP B 52 22.02 -13.63 -13.67
N SER B 53 22.27 -13.96 -14.93
CA SER B 53 22.82 -13.05 -15.92
C SER B 53 22.04 -11.74 -15.96
N HIS B 54 20.73 -11.83 -15.88
CA HIS B 54 19.90 -10.70 -16.24
C HIS B 54 20.03 -9.46 -15.35
N GLU B 55 19.80 -8.36 -16.03
CA GLU B 55 19.20 -7.22 -15.44
C GLU B 55 17.72 -7.57 -15.28
N ASN B 56 17.24 -7.51 -14.06
CA ASN B 56 15.82 -7.70 -13.85
C ASN B 56 15.28 -6.46 -13.19
N TYR B 57 14.13 -5.98 -13.64
CA TYR B 57 13.50 -4.80 -13.03
C TYR B 57 12.01 -5.02 -12.86
N GLU B 58 11.49 -4.58 -11.73
CA GLU B 58 10.06 -4.46 -11.58
C GLU B 58 9.59 -3.16 -12.18
N VAL B 59 8.47 -3.20 -12.92
CA VAL B 59 7.88 -1.99 -13.51
C VAL B 59 6.79 -1.46 -12.60
N LEU B 60 6.89 -0.18 -12.29
CA LEU B 60 5.95 0.47 -11.41
C LEU B 60 5.38 1.67 -12.16
N LEU B 61 4.11 1.92 -11.92
CA LEU B 61 3.38 2.92 -12.71
C LEU B 61 3.17 4.11 -11.81
N ARG B 62 3.48 5.29 -12.34
CA ARG B 62 3.20 6.56 -11.67
C ARG B 62 2.33 7.46 -12.57
N LEU B 63 1.68 8.42 -11.94
CA LEU B 63 0.74 9.33 -12.63
C LEU B 63 0.89 10.75 -12.11
N LEU B 64 1.04 11.71 -13.01
CA LEU B 64 1.02 13.12 -12.64
C LEU B 64 -0.34 13.74 -12.96
N ASN B 65 -0.79 14.64 -12.10
CA ASN B 65 -2.01 15.40 -12.40
C ASN B 65 -1.65 16.47 -13.44
N PRO B 66 -2.65 17.15 -14.04
CA PRO B 66 -2.32 18.13 -15.09
C PRO B 66 -1.36 19.22 -14.63
N GLN B 67 -1.34 19.49 -13.33
CA GLN B 67 -0.48 20.52 -12.77
C GLN B 67 0.93 19.99 -12.43
N GLY B 68 1.23 18.74 -12.79
CA GLY B 68 2.57 18.22 -12.61
C GLY B 68 2.84 17.58 -11.25
N GLN B 69 1.83 17.46 -10.40
CA GLN B 69 2.05 16.88 -9.08
C GLN B 69 1.64 15.40 -9.10
N GLU B 70 2.39 14.57 -8.38
CA GLU B 70 2.17 13.14 -8.35
C GLU B 70 0.90 12.74 -7.59
N VAL B 71 0.10 11.93 -8.26
CA VAL B 71 -1.11 11.37 -7.66
C VAL B 71 -0.65 10.11 -6.94
N PRO B 72 -0.98 9.99 -5.66
CA PRO B 72 -0.58 8.81 -4.89
C PRO B 72 -1.01 7.54 -5.62
N PRO B 73 -0.10 6.60 -5.80
CA PRO B 73 -0.47 5.36 -6.50
C PRO B 73 -1.69 4.65 -5.93
N ALA B 74 -1.90 4.61 -4.62
CA ALA B 74 -3.04 3.86 -4.14
C ALA B 74 -4.34 4.51 -4.62
N GLU B 75 -4.33 5.83 -4.71
CA GLU B 75 -5.52 6.63 -5.07
C GLU B 75 -5.81 6.36 -6.59
N PHE B 76 -4.80 6.38 -7.45
CA PHE B 76 -5.13 6.15 -8.87
C PHE B 76 -5.38 4.71 -9.20
N LEU B 77 -4.78 3.80 -8.43
CA LEU B 77 -5.08 2.39 -8.62
C LEU B 77 -6.53 2.11 -8.24
N HIS B 78 -7.02 2.71 -7.14
CA HIS B 78 -8.43 2.65 -6.84
C HIS B 78 -9.31 3.35 -7.86
N ALA B 79 -8.89 4.52 -8.32
CA ALA B 79 -9.68 5.22 -9.33
C ALA B 79 -9.85 4.31 -10.53
N ALA B 80 -8.79 3.56 -10.86
CA ALA B 80 -8.83 2.71 -12.03
C ALA B 80 -9.93 1.66 -11.86
N LYS B 81 -9.98 1.06 -10.67
CA LYS B 81 -10.97 0.06 -10.43
C LYS B 81 -12.34 0.66 -10.38
N GLU B 82 -12.46 1.89 -9.90
CA GLU B 82 -13.77 2.50 -9.82
C GLU B 82 -14.36 2.83 -11.19
N ALA B 83 -13.52 2.90 -12.22
CA ALA B 83 -13.98 3.35 -13.56
C ALA B 83 -13.85 2.28 -14.60
N GLY B 84 -13.62 1.05 -14.18
CA GLY B 84 -13.45 -0.05 -15.11
C GLY B 84 -12.25 0.20 -16.02
N LEU B 85 -11.17 0.79 -15.52
CA LEU B 85 -10.01 1.06 -16.35
C LEU B 85 -8.77 0.19 -16.06
N ALA B 86 -8.89 -0.79 -15.16
CA ALA B 86 -7.69 -1.52 -14.72
C ALA B 86 -7.00 -2.24 -15.89
N GLU B 87 -7.78 -2.96 -16.70
CA GLU B 87 -7.15 -3.68 -17.80
C GLU B 87 -6.55 -2.73 -18.85
N LYS B 88 -7.19 -1.60 -19.07
CA LYS B 88 -6.65 -0.65 -20.05
C LYS B 88 -5.31 -0.11 -19.55
N ILE B 89 -5.18 0.05 -18.24
CA ILE B 89 -3.95 0.59 -17.75
C ILE B 89 -2.87 -0.48 -17.90
N ASP B 90 -3.17 -1.73 -17.55
CA ASP B 90 -2.22 -2.83 -17.73
C ASP B 90 -1.75 -2.90 -19.16
N ARG B 91 -2.65 -2.72 -20.13
CA ARG B 91 -2.25 -2.86 -21.53
C ARG B 91 -1.34 -1.71 -21.89
N TRP B 92 -1.65 -0.50 -21.39
CA TRP B 92 -0.74 0.62 -21.60
C TRP B 92 0.66 0.28 -21.05
N VAL B 93 0.71 -0.30 -19.86
CA VAL B 93 2.02 -0.61 -19.25
C VAL B 93 2.74 -1.67 -20.07
N ILE B 94 2.03 -2.69 -20.48
CA ILE B 94 2.63 -3.77 -21.27
C ILE B 94 3.23 -3.23 -22.54
N LEU B 95 2.45 -2.42 -23.27
CA LEU B 95 2.97 -1.89 -24.54
C LEU B 95 4.15 -1.01 -24.33
N ASN B 96 4.10 -0.18 -23.29
CA ASN B 96 5.24 0.68 -23.07
C ASN B 96 6.44 -0.06 -22.53
N SER B 97 6.20 -1.12 -21.79
CA SER B 97 7.29 -1.98 -21.33
C SER B 97 7.95 -2.70 -22.53
N ILE B 98 7.12 -3.19 -23.44
CA ILE B 98 7.63 -3.85 -24.64
C ILE B 98 8.50 -2.83 -25.34
N LYS B 99 7.98 -1.62 -25.48
CA LYS B 99 8.68 -0.57 -26.25
C LYS B 99 10.03 -0.36 -25.64
N LEU B 100 10.05 -0.14 -24.32
CA LEU B 100 11.29 0.22 -23.63
C LEU B 100 12.32 -0.88 -23.71
N LEU B 101 11.86 -2.13 -23.71
CA LEU B 101 12.75 -3.27 -23.79
C LEU B 101 13.44 -3.32 -25.14
N ALA B 102 12.66 -3.17 -26.20
CA ALA B 102 13.19 -3.20 -27.55
C ALA B 102 14.27 -2.14 -27.68
N GLU B 103 14.08 -0.98 -27.05
CA GLU B 103 15.07 0.09 -27.07
C GLU B 103 16.27 -0.20 -26.14
N HIS B 104 16.01 -0.63 -24.91
CA HIS B 104 17.07 -0.97 -23.97
C HIS B 104 17.88 -2.17 -24.50
N ARG B 105 17.34 -2.85 -25.51
CA ARG B 105 18.11 -3.86 -26.26
C ARG B 105 19.15 -3.20 -27.12
N ALA B 106 18.86 -1.98 -27.56
CA ALA B 106 19.80 -1.21 -28.37
C ALA B 106 21.20 -1.23 -27.74
N LYS B 107 21.28 -1.72 -26.51
CA LYS B 107 22.54 -1.88 -25.81
C LYS B 107 22.75 -3.31 -25.31
N GLY B 108 23.88 -3.56 -24.64
CA GLY B 108 24.24 -4.90 -24.21
C GLY B 108 23.40 -5.40 -23.04
N HIS B 109 22.29 -4.71 -22.80
CA HIS B 109 21.42 -5.01 -21.67
C HIS B 109 20.45 -6.17 -21.92
N GLN B 110 20.74 -7.32 -21.32
CA GLN B 110 19.82 -8.47 -21.31
C GLN B 110 18.70 -8.27 -20.28
N THR B 111 17.82 -7.31 -20.53
CA THR B 111 16.85 -6.93 -19.52
C THR B 111 15.62 -7.83 -19.45
N LYS B 112 15.17 -8.12 -18.23
CA LYS B 112 13.91 -8.82 -18.02
C LYS B 112 13.00 -7.88 -17.16
N LEU B 113 11.74 -7.73 -17.54
CA LEU B 113 10.84 -6.86 -16.79
C LEU B 113 9.70 -7.63 -16.14
N PHE B 114 9.44 -7.29 -14.87
CA PHE B 114 8.28 -7.78 -14.14
C PHE B 114 7.16 -6.76 -14.19
N VAL B 115 6.02 -7.20 -14.74
CA VAL B 115 4.91 -6.32 -15.07
C VAL B 115 3.68 -6.82 -14.34
N HIS B 116 3.02 -5.91 -13.62
CA HIS B 116 1.89 -6.31 -12.80
C HIS B 116 0.67 -6.53 -13.69
N LEU B 117 -0.15 -7.53 -13.37
CA LEU B 117 -1.46 -7.72 -14.00
C LEU B 117 -2.50 -7.64 -12.95
N SER B 118 -3.52 -6.82 -13.21
CA SER B 118 -4.65 -6.65 -12.30
C SER B 118 -5.59 -7.85 -12.40
N SER B 119 -6.51 -7.97 -11.44
CA SER B 119 -7.47 -9.06 -11.47
C SER B 119 -8.39 -8.91 -12.69
N ALA B 120 -8.64 -7.68 -13.15
CA ALA B 120 -9.47 -7.50 -14.34
C ALA B 120 -8.77 -8.13 -15.57
N SER B 121 -7.46 -7.94 -15.70
CA SER B 121 -6.74 -8.55 -16.77
C SER B 121 -6.74 -10.06 -16.64
N LEU B 122 -6.50 -10.54 -15.43
CA LEU B 122 -6.42 -11.98 -15.19
C LEU B 122 -7.73 -12.66 -15.62
N GLN B 123 -8.85 -11.96 -15.44
CA GLN B 123 -10.16 -12.54 -15.73
C GLN B 123 -10.54 -12.52 -17.21
N ASP B 124 -9.91 -11.63 -17.99
CA ASP B 124 -10.24 -11.38 -19.40
C ASP B 124 -9.65 -12.44 -20.34
N PRO B 125 -10.49 -13.33 -20.88
CA PRO B 125 -9.92 -14.31 -21.83
C PRO B 125 -9.34 -13.61 -23.08
N GLY B 126 -9.75 -12.37 -23.33
CA GLY B 126 -9.16 -11.58 -24.42
C GLY B 126 -7.68 -11.25 -24.22
N LEU B 127 -7.19 -11.33 -22.99
CA LEU B 127 -5.84 -10.84 -22.70
C LEU B 127 -4.79 -11.56 -23.52
N LEU B 128 -4.82 -12.87 -23.45
CA LEU B 128 -3.81 -13.71 -24.05
C LEU B 128 -3.63 -13.52 -25.58
N PRO B 129 -4.73 -13.50 -26.32
CA PRO B 129 -4.49 -13.26 -27.74
C PRO B 129 -4.01 -11.83 -28.01
N TRP B 130 -4.50 -10.87 -27.23
CA TRP B 130 -4.04 -9.51 -27.39
C TRP B 130 -2.52 -9.47 -27.13
N LEU B 131 -2.09 -10.17 -26.09
CA LEU B 131 -0.68 -10.21 -25.75
C LEU B 131 0.16 -10.76 -26.89
N GLY B 132 -0.33 -11.82 -27.54
CA GLY B 132 0.39 -12.42 -28.65
C GLY B 132 0.60 -11.44 -29.79
N VAL B 133 -0.41 -10.62 -30.07
CA VAL B 133 -0.27 -9.63 -31.12
C VAL B 133 0.75 -8.60 -30.68
N ALA B 134 0.63 -8.12 -29.45
CA ALA B 134 1.58 -7.11 -28.97
C ALA B 134 3.01 -7.61 -29.08
N LEU B 135 3.22 -8.88 -28.75
CA LEU B 135 4.58 -9.42 -28.77
C LEU B 135 5.04 -9.72 -30.20
N LYS B 136 4.14 -10.27 -31.02
CA LYS B 136 4.44 -10.57 -32.45
C LYS B 136 5.05 -9.36 -33.12
N ALA B 137 4.59 -8.19 -32.73
CA ALA B 137 4.98 -6.95 -33.42
C ALA B 137 6.34 -6.45 -32.96
N ALA B 138 6.76 -6.87 -31.78
CA ALA B 138 7.92 -6.26 -31.12
C ALA B 138 9.23 -7.08 -31.23
N ARG B 139 9.10 -8.35 -31.61
CA ARG B 139 10.28 -9.19 -31.84
C ARG B 139 11.24 -9.22 -30.63
N LEU B 140 10.71 -9.43 -29.43
CA LEU B 140 11.56 -9.47 -28.23
C LEU B 140 12.21 -10.83 -28.04
N PRO B 141 13.39 -10.86 -27.38
CA PRO B 141 13.93 -12.17 -26.98
C PRO B 141 12.95 -12.91 -26.14
N PRO B 142 13.05 -14.25 -26.16
CA PRO B 142 12.14 -15.03 -25.32
C PRO B 142 12.41 -14.75 -23.84
N GLU B 143 11.39 -14.89 -23.01
CA GLU B 143 11.55 -14.74 -21.55
C GLU B 143 12.06 -13.33 -21.28
N SER B 144 11.41 -12.34 -21.85
CA SER B 144 11.78 -10.94 -21.60
C SER B 144 10.82 -10.33 -20.58
N LEU B 145 9.63 -10.91 -20.48
CA LEU B 145 8.56 -10.39 -19.67
C LEU B 145 8.14 -11.43 -18.69
N VAL B 146 7.98 -11.00 -17.44
CA VAL B 146 7.39 -11.81 -16.40
C VAL B 146 6.15 -11.11 -15.92
N PHE B 147 5.02 -11.81 -15.95
CA PHE B 147 3.80 -11.23 -15.51
C PHE B 147 3.55 -11.60 -14.07
N GLN B 148 3.29 -10.59 -13.27
CA GLN B 148 3.24 -10.74 -11.84
C GLN B 148 1.80 -10.57 -11.39
N ILE B 149 1.28 -11.63 -10.81
CA ILE B 149 -0.05 -11.66 -10.28
C ILE B 149 -0.01 -11.82 -8.77
N SER B 150 -0.85 -11.09 -8.05
CA SER B 150 -0.85 -11.23 -6.60
C SER B 150 -1.40 -12.59 -6.20
N GLU B 151 -0.94 -13.10 -5.06
CA GLU B 151 -1.46 -14.36 -4.56
C GLU B 151 -3.00 -14.31 -4.41
N ALA B 152 -3.53 -13.20 -3.90
CA ALA B 152 -4.96 -13.13 -3.66
C ALA B 152 -5.70 -13.26 -4.99
N ASP B 153 -5.23 -12.54 -6.00
CA ASP B 153 -5.88 -12.63 -7.32
C ASP B 153 -5.78 -14.06 -7.89
N ALA B 154 -4.58 -14.65 -7.89
CA ALA B 154 -4.36 -16.00 -8.40
C ALA B 154 -5.25 -17.03 -7.72
N THR B 155 -5.49 -16.79 -6.45
CA THR B 155 -6.24 -17.68 -5.59
C THR B 155 -7.75 -17.46 -5.76
N SER B 156 -8.20 -16.22 -5.92
CA SER B 156 -9.62 -15.98 -6.24
C SER B 156 -9.98 -16.56 -7.59
N TYR B 157 -9.05 -16.48 -8.55
CA TYR B 157 -9.36 -16.83 -9.94
C TYR B 157 -8.41 -17.88 -10.48
N LEU B 158 -8.38 -19.04 -9.82
CA LEU B 158 -7.37 -20.04 -10.09
C LEU B 158 -7.49 -20.64 -11.48
N LYS B 159 -8.72 -20.80 -11.95
CA LYS B 159 -8.94 -21.35 -13.27
C LYS B 159 -8.39 -20.40 -14.34
N GLN B 160 -8.73 -19.12 -14.22
CA GLN B 160 -8.18 -18.15 -15.16
C GLN B 160 -6.66 -18.00 -15.01
N ALA B 161 -6.12 -18.12 -13.80
CA ALA B 161 -4.66 -18.08 -13.60
C ALA B 161 -3.98 -19.30 -14.22
N LYS B 162 -4.62 -20.47 -14.11
CA LYS B 162 -4.03 -21.66 -14.72
C LYS B 162 -3.93 -21.45 -16.21
N GLN B 163 -5.05 -21.01 -16.77
CA GLN B 163 -5.18 -20.80 -18.21
C GLN B 163 -4.23 -19.72 -18.66
N LEU B 164 -4.20 -18.58 -17.96
CA LEU B 164 -3.32 -17.50 -18.38
C LEU B 164 -1.87 -17.98 -18.39
N THR B 165 -1.46 -18.63 -17.30
CA THR B 165 -0.04 -18.94 -17.15
C THR B 165 0.44 -20.02 -18.14
N GLN B 166 -0.41 -21.01 -18.43
CA GLN B 166 -0.06 -21.96 -19.49
C GLN B 166 0.12 -21.22 -20.79
N GLY B 167 -0.82 -20.33 -21.08
CA GLY B 167 -0.74 -19.49 -22.27
C GLY B 167 0.54 -18.66 -22.37
N LEU B 168 0.99 -18.13 -21.23
CA LEU B 168 2.17 -17.27 -21.24
C LEU B 168 3.37 -18.07 -21.65
N ALA B 169 3.42 -19.30 -21.20
CA ALA B 169 4.56 -20.12 -21.56
C ALA B 169 4.59 -20.28 -23.07
N THR B 170 3.43 -20.46 -23.67
CA THR B 170 3.40 -20.59 -25.13
C THR B 170 3.95 -19.32 -25.75
N LEU B 171 3.72 -18.17 -25.10
CA LEU B 171 4.20 -16.93 -25.67
C LEU B 171 5.63 -16.65 -25.25
N HIS B 172 6.27 -17.61 -24.59
CA HIS B 172 7.66 -17.40 -24.14
C HIS B 172 7.75 -16.24 -23.16
N CYS B 173 6.70 -16.13 -22.37
CA CYS B 173 6.72 -15.23 -21.24
C CYS B 173 6.80 -16.07 -19.98
N GLN B 174 7.09 -15.42 -18.85
CA GLN B 174 7.13 -16.10 -17.57
C GLN B 174 6.09 -15.47 -16.65
N ALA B 175 5.95 -16.05 -15.47
CA ALA B 175 4.96 -15.60 -14.53
C ALA B 175 5.47 -15.68 -13.09
N ALA B 176 4.97 -14.77 -12.26
CA ALA B 176 5.32 -14.64 -10.85
C ALA B 176 4.07 -14.48 -10.05
N ILE B 177 4.07 -15.08 -8.85
CA ILE B 177 3.06 -14.83 -7.86
C ILE B 177 3.71 -13.96 -6.80
N SER B 178 3.11 -12.82 -6.51
CA SER B 178 3.63 -11.94 -5.47
C SER B 178 2.73 -11.94 -4.24
N GLN B 179 3.13 -11.20 -3.23
CA GLN B 179 2.58 -11.33 -1.87
C GLN B 179 2.27 -12.81 -1.46
N PHE B 180 3.19 -13.70 -1.76
CA PHE B 180 2.99 -15.11 -1.54
C PHE B 180 3.19 -15.46 -0.04
N GLY B 181 2.34 -16.35 0.46
CA GLY B 181 2.53 -16.94 1.77
C GLY B 181 1.48 -16.52 2.77
N CYS B 182 0.44 -15.83 2.30
CA CYS B 182 -0.56 -15.24 3.21
C CYS B 182 -1.90 -15.97 3.22
N SER B 183 -2.15 -16.76 2.20
CA SER B 183 -3.44 -17.41 2.06
C SER B 183 -3.45 -18.64 2.97
N LEU B 184 -4.58 -19.36 3.00
CA LEU B 184 -4.72 -20.52 3.89
C LEU B 184 -3.67 -21.59 3.63
N ASN B 185 -3.57 -22.06 2.39
CA ASN B 185 -2.54 -23.02 1.99
C ASN B 185 -1.82 -22.56 0.71
N PRO B 186 -0.88 -21.62 0.85
CA PRO B 186 -0.24 -20.94 -0.29
C PRO B 186 0.28 -21.86 -1.37
N PHE B 187 0.77 -23.03 -0.98
CA PHE B 187 1.39 -23.91 -1.94
C PHE B 187 0.35 -24.68 -2.76
N ASN B 188 -0.88 -24.70 -2.28
CA ASN B 188 -1.92 -25.36 -3.07
C ASN B 188 -2.13 -24.71 -4.43
N ALA B 189 -2.24 -23.38 -4.45
CA ALA B 189 -2.44 -22.67 -5.72
C ALA B 189 -1.33 -23.00 -6.72
N LEU B 190 -0.12 -23.23 -6.23
CA LEU B 190 0.99 -23.49 -7.13
C LEU B 190 0.88 -24.80 -7.89
N LYS B 191 0.07 -25.74 -7.41
CA LYS B 191 0.00 -27.07 -8.03
C LYS B 191 -0.51 -26.93 -9.45
N HIS B 192 -1.38 -25.94 -9.66
CA HIS B 192 -2.10 -25.81 -10.91
C HIS B 192 -1.66 -24.65 -11.82
N LEU B 193 -0.55 -24.00 -11.48
CA LEU B 193 -0.08 -22.85 -12.26
C LEU B 193 1.28 -23.11 -12.85
N THR B 194 1.54 -22.42 -13.95
CA THR B 194 2.87 -22.36 -14.52
C THR B 194 3.57 -21.05 -14.13
N VAL B 195 4.37 -21.14 -13.08
CA VAL B 195 4.97 -19.96 -12.47
C VAL B 195 6.42 -20.27 -12.12
N GLN B 196 7.33 -19.38 -12.51
CA GLN B 196 8.74 -19.60 -12.24
C GLN B 196 9.23 -18.81 -11.02
N PHE B 197 8.59 -17.69 -10.73
CA PHE B 197 9.08 -16.80 -9.64
C PHE B 197 8.05 -16.66 -8.56
N ILE B 198 8.54 -16.60 -7.32
CA ILE B 198 7.68 -16.39 -6.19
C ILE B 198 8.20 -15.24 -5.33
N LYS B 199 7.39 -14.19 -5.20
CA LYS B 199 7.80 -12.99 -4.50
C LYS B 199 7.05 -13.04 -3.18
N ILE B 200 7.85 -13.21 -2.13
CA ILE B 200 7.37 -13.47 -0.80
C ILE B 200 6.76 -12.21 -0.22
N ASP B 201 5.62 -12.37 0.45
CA ASP B 201 4.97 -11.26 1.13
C ASP B 201 5.89 -10.59 2.17
N GLY B 202 5.88 -9.26 2.19
CA GLY B 202 6.64 -8.44 3.11
C GLY B 202 6.43 -8.80 4.58
N SER B 203 5.31 -9.44 4.91
CA SER B 203 5.02 -9.81 6.29
C SER B 203 6.09 -10.75 6.82
N PHE B 204 6.71 -11.52 5.92
CA PHE B 204 7.74 -12.44 6.30
C PHE B 204 9.08 -11.75 6.54
N VAL B 205 9.20 -10.47 6.16
CA VAL B 205 10.48 -9.74 6.20
C VAL B 205 10.53 -8.79 7.41
N GLN B 206 9.52 -8.85 8.27
CA GLN B 206 9.49 -8.08 9.52
C GLN B 206 10.17 -8.82 10.66
N ASP B 207 10.65 -8.04 11.62
CA ASP B 207 11.19 -8.57 12.86
C ASP B 207 12.24 -9.62 12.59
N LEU B 208 12.95 -9.51 11.47
CA LEU B 208 13.96 -10.50 11.14
C LEU B 208 15.08 -10.45 12.17
N ASN B 209 15.05 -9.39 12.97
CA ASN B 209 15.87 -9.30 14.18
C ASN B 209 15.75 -10.56 15.03
N GLN B 210 14.56 -11.15 15.03
CA GLN B 210 14.22 -12.31 15.85
C GLN B 210 14.52 -13.60 15.14
N VAL B 211 15.34 -14.42 15.78
CA VAL B 211 15.80 -15.66 15.16
C VAL B 211 14.60 -16.50 14.67
N GLU B 212 13.49 -16.47 15.40
CA GLU B 212 12.31 -17.22 15.00
C GLU B 212 11.84 -16.85 13.59
N ASN B 213 11.69 -15.55 13.36
CA ASN B 213 11.24 -15.06 12.05
C ASN B 213 12.25 -15.34 10.97
N GLN B 214 13.53 -15.35 11.32
CA GLN B 214 14.54 -15.73 10.35
C GLN B 214 14.35 -17.19 9.92
N GLU B 215 13.94 -18.06 10.84
CA GLU B 215 13.89 -19.47 10.49
C GLU B 215 12.65 -19.77 9.64
N ILE B 216 11.54 -19.15 9.97
CA ILE B 216 10.35 -19.27 9.14
C ILE B 216 10.70 -18.87 7.68
N LEU B 217 11.34 -17.72 7.52
CA LEU B 217 11.70 -17.21 6.18
C LEU B 217 12.61 -18.17 5.49
N LYS B 218 13.62 -18.62 6.23
CA LYS B 218 14.57 -19.58 5.70
C LYS B 218 13.87 -20.84 5.25
N GLY B 219 13.01 -21.35 6.11
CA GLY B 219 12.22 -22.52 5.74
C GLY B 219 11.39 -22.28 4.49
N LEU B 220 10.69 -21.15 4.43
CA LEU B 220 9.82 -20.84 3.28
C LEU B 220 10.63 -20.83 1.98
N ILE B 221 11.77 -20.15 2.01
CA ILE B 221 12.63 -20.08 0.85
C ILE B 221 13.10 -21.48 0.45
N ALA B 222 13.40 -22.32 1.45
CA ALA B 222 13.92 -23.66 1.17
C ALA B 222 12.84 -24.47 0.51
N GLU B 223 11.63 -24.33 1.02
CA GLU B 223 10.50 -25.02 0.43
C GLU B 223 10.23 -24.53 -1.00
N LEU B 224 10.43 -23.23 -1.26
CA LEU B 224 10.18 -22.73 -2.62
C LEU B 224 11.23 -23.35 -3.55
N HIS B 225 12.46 -23.43 -3.06
CA HIS B 225 13.53 -24.06 -3.84
C HIS B 225 13.19 -25.54 -4.15
N GLU B 226 12.69 -26.26 -3.16
CA GLU B 226 12.32 -27.67 -3.32
C GLU B 226 11.29 -27.82 -4.41
N GLN B 227 10.34 -26.89 -4.44
CA GLN B 227 9.28 -26.87 -5.43
C GLN B 227 9.74 -26.25 -6.74
N GLN B 228 11.04 -26.01 -6.85
CA GLN B 228 11.61 -25.56 -8.12
C GLN B 228 11.30 -24.09 -8.47
N LYS B 229 10.94 -23.27 -7.50
CA LYS B 229 10.62 -21.87 -7.78
C LYS B 229 11.80 -20.98 -7.47
N LEU B 230 11.86 -19.84 -8.12
CA LEU B 230 12.85 -18.83 -7.79
C LEU B 230 12.21 -17.80 -6.88
N SER B 231 12.79 -17.64 -5.70
CA SER B 231 12.23 -16.78 -4.67
C SER B 231 12.79 -15.38 -4.81
N ILE B 232 11.91 -14.41 -4.58
CA ILE B 232 12.30 -13.02 -4.55
C ILE B 232 11.85 -12.48 -3.21
N VAL B 233 12.74 -11.80 -2.50
CA VAL B 233 12.41 -11.26 -1.19
C VAL B 233 12.51 -9.77 -1.22
N PRO B 234 11.40 -9.09 -0.94
CA PRO B 234 11.38 -7.63 -1.04
C PRO B 234 11.67 -6.94 0.30
N PHE B 235 11.74 -5.62 0.28
CA PHE B 235 11.99 -4.80 1.46
C PHE B 235 13.34 -5.02 2.12
N VAL B 236 14.38 -5.14 1.32
CA VAL B 236 15.76 -5.08 1.86
C VAL B 236 16.04 -3.67 2.14
N GLU B 237 16.00 -3.30 3.42
CA GLU B 237 16.11 -1.90 3.77
C GLU B 237 17.47 -1.52 4.41
N SER B 238 18.31 -2.52 4.66
CA SER B 238 19.65 -2.32 5.24
C SER B 238 20.51 -3.55 5.03
N ALA B 239 21.80 -3.41 5.40
CA ALA B 239 22.76 -4.53 5.33
C ALA B 239 22.41 -5.67 6.28
N SER B 240 21.97 -5.34 7.48
CA SER B 240 21.54 -6.37 8.43
C SER B 240 20.36 -7.16 7.87
N VAL B 241 19.42 -6.50 7.19
CA VAL B 241 18.37 -7.29 6.57
C VAL B 241 18.92 -8.12 5.42
N LEU B 242 19.72 -7.51 4.54
CA LEU B 242 20.34 -8.25 3.44
C LEU B 242 21.12 -9.43 4.02
N ALA B 243 21.83 -9.19 5.09
CA ALA B 243 22.63 -10.25 5.70
C ALA B 243 21.71 -11.46 6.02
N THR B 244 20.62 -11.23 6.72
CA THR B 244 19.72 -12.33 7.05
C THR B 244 19.22 -13.09 5.82
N LEU B 245 18.88 -12.33 4.77
CA LEU B 245 18.30 -12.90 3.55
C LEU B 245 19.31 -13.73 2.78
N TRP B 246 20.55 -13.28 2.80
CA TRP B 246 21.66 -13.95 2.12
C TRP B 246 21.69 -15.37 2.68
N GLN B 247 21.96 -15.45 3.98
CA GLN B 247 21.98 -16.74 4.68
C GLN B 247 20.83 -17.65 4.28
N ALA B 248 19.63 -17.10 4.11
CA ALA B 248 18.44 -17.94 3.90
C ALA B 248 18.39 -18.48 2.49
N GLY B 249 19.32 -18.06 1.63
CA GLY B 249 19.37 -18.56 0.27
C GLY B 249 18.32 -18.02 -0.69
N ALA B 250 17.83 -16.80 -0.48
CA ALA B 250 16.94 -16.14 -1.45
C ALA B 250 17.54 -16.11 -2.85
N THR B 251 16.75 -16.46 -3.87
CA THR B 251 17.26 -16.41 -5.24
C THR B 251 17.47 -14.93 -5.69
N TYR B 252 16.56 -14.04 -5.30
CA TYR B 252 16.63 -12.62 -5.66
C TYR B 252 16.15 -11.77 -4.50
N ILE B 253 16.57 -10.52 -4.50
CA ILE B 253 16.17 -9.58 -3.47
C ILE B 253 15.83 -8.23 -4.10
N GLN B 254 15.14 -7.42 -3.34
CA GLN B 254 14.77 -6.10 -3.81
C GLN B 254 14.61 -5.23 -2.61
N GLY B 255 14.96 -3.97 -2.74
CA GLY B 255 14.70 -3.01 -1.70
C GLY B 255 15.52 -1.74 -1.87
N TYR B 256 15.11 -0.73 -1.12
CA TYR B 256 15.68 0.60 -1.26
C TYR B 256 17.19 0.65 -0.90
N TYR B 257 17.63 -0.27 -0.07
CA TYR B 257 19.05 -0.32 0.30
C TYR B 257 19.89 -0.71 -0.94
N LEU B 258 19.30 -1.47 -1.84
CA LEU B 258 19.95 -1.75 -3.13
C LEU B 258 19.65 -0.63 -4.10
N GLN B 259 18.36 -0.43 -4.42
CA GLN B 259 17.95 0.72 -5.23
C GLN B 259 16.44 0.84 -5.18
N GLY B 260 16.01 2.06 -4.94
CA GLY B 260 14.59 2.40 -4.94
C GLY B 260 14.12 2.52 -6.39
N PRO B 261 12.81 2.66 -6.59
CA PRO B 261 12.30 2.92 -7.95
C PRO B 261 13.04 4.09 -8.58
N SER B 262 13.40 3.95 -9.84
CA SER B 262 13.99 5.03 -10.60
C SER B 262 13.34 5.21 -11.97
N GLN B 263 13.49 6.41 -12.53
CA GLN B 263 12.97 6.65 -13.88
C GLN B 263 13.79 5.94 -14.94
N ALA B 264 14.99 5.52 -14.60
CA ALA B 264 15.87 4.92 -15.60
C ALA B 264 16.23 3.49 -15.23
N MET B 265 16.49 2.68 -16.24
CA MET B 265 17.11 1.38 -16.04
C MET B 265 18.62 1.54 -16.11
N ASP B 266 19.22 2.05 -15.04
CA ASP B 266 20.66 2.24 -15.03
C ASP B 266 21.31 1.68 -13.77
N TYR B 267 20.71 0.63 -13.21
CA TYR B 267 21.38 -0.06 -12.11
C TYR B 267 22.55 -0.89 -12.65
N ASP B 268 23.64 -0.94 -11.89
CA ASP B 268 24.81 -1.71 -12.29
C ASP B 268 24.76 -3.11 -11.73
N PHE B 269 24.20 -4.05 -12.50
CA PHE B 269 24.07 -5.42 -12.02
C PHE B 269 25.42 -6.15 -11.96
N SER B 270 26.44 -5.67 -12.49
#